data_3T87
#
_entry.id   3T87
#
_cell.length_a   92.700
_cell.length_b   92.700
_cell.length_c   131.100
_cell.angle_alpha   90.00
_cell.angle_beta   90.00
_cell.angle_gamma   120.00
#
_symmetry.space_group_name_H-M   'P 61 2 2'
#
loop_
_entity.id
_entity.type
_entity.pdbx_description
1 polymer Thermolysin
2 non-polymer '(2S)-2-({N-[(R)-({[(benzyloxy)carbonyl]amino}methyl)(hydroxy)phosphoryl]-L-leucyl}amino)butanoic acid'
3 non-polymer GLYCEROL
4 non-polymer 'DIMETHYL SULFOXIDE'
5 non-polymer 'ZINC ION'
6 non-polymer 'CALCIUM ION'
7 water water
#
_entity_poly.entity_id   1
_entity_poly.type   'polypeptide(L)'
_entity_poly.pdbx_seq_one_letter_code
;ITGTSTVGVGRGVLGDQKNINTTYSTYYYLQDNTRGNGIFTYDAKYRTTLPGSLWADADNQFFASYDAPAVDAHYYAGVT
YDYYKNVHNRLSYDGNNAAIRSSVHYSQGYNNAFWNGSQMVYGDGDGQTFIPLSGGIDVVAHELTHAVTDYTAGLIYQNE
SGAINEAISDIFGTLVEFYANKNPDWEIGEDVYTPGISGDSLRSMSDPAKYGDPDHYSKRYTGTQDNGGVHINSGIINKA
AYLISQGGTHYGVSVVGIGRDKLGKIFYRALTQYLTPTSNFSQLRAAAVQSATDLYGSTSQEVASVKQAFDAVGVK
;
_entity_poly.pdbx_strand_id   A
#
loop_
_chem_comp.id
_chem_comp.type
_chem_comp.name
_chem_comp.formula
CA non-polymer 'CALCIUM ION' 'Ca 2'
DMS non-polymer 'DIMETHYL SULFOXIDE' 'C2 H6 O S'
GOL non-polymer GLYCEROL 'C3 H8 O3'
UBZ peptide-like '(2S)-2-({N-[(R)-({[(benzyloxy)carbonyl]amino}methyl)(hydroxy)phosphoryl]-L-leucyl}amino)butanoic acid' 'C19 H30 N3 O7 P'
ZN non-polymer 'ZINC ION' 'Zn 2'
#
# COMPACT_ATOMS: atom_id res chain seq x y z
N ILE A 1 14.64 21.21 -2.47
CA ILE A 1 15.65 22.22 -2.83
C ILE A 1 15.27 22.91 -4.13
N THR A 2 15.80 24.10 -4.32
CA THR A 2 15.56 24.87 -5.53
C THR A 2 16.50 24.41 -6.60
N GLY A 3 15.97 24.09 -7.77
CA GLY A 3 16.78 23.64 -8.86
C GLY A 3 15.96 23.43 -10.10
N THR A 4 16.52 22.76 -11.09
CA THR A 4 15.76 22.51 -12.33
C THR A 4 15.42 21.02 -12.44
N SER A 5 14.23 20.75 -12.95
CA SER A 5 13.76 19.38 -13.06
C SER A 5 14.52 18.63 -14.16
N THR A 6 14.94 17.42 -13.82
CA THR A 6 15.78 16.58 -14.65
C THR A 6 15.23 15.15 -14.66
N VAL A 7 15.77 14.31 -15.52
CA VAL A 7 15.35 12.91 -15.62
C VAL A 7 16.59 12.04 -15.56
N GLY A 8 16.69 11.29 -14.46
CA GLY A 8 17.77 10.34 -14.27
C GLY A 8 17.34 8.95 -14.68
N VAL A 9 18.29 8.02 -14.64
CA VAL A 9 18.03 6.65 -15.03
CA VAL A 9 18.02 6.64 -15.02
C VAL A 9 18.74 5.75 -14.03
N GLY A 10 18.14 4.62 -13.69
CA GLY A 10 18.77 3.71 -12.76
C GLY A 10 18.11 2.35 -12.78
N ARG A 11 18.49 1.55 -11.79
CA ARG A 11 18.01 0.19 -11.65
CA ARG A 11 17.96 0.19 -11.67
C ARG A 11 17.39 -0.01 -10.28
N GLY A 12 16.23 -0.63 -10.23
CA GLY A 12 15.56 -0.92 -8.99
C GLY A 12 16.07 -2.20 -8.33
N VAL A 13 15.45 -2.53 -7.21
CA VAL A 13 15.81 -3.68 -6.38
C VAL A 13 15.81 -5.01 -7.13
N LEU A 14 14.87 -5.16 -8.06
CA LEU A 14 14.78 -6.39 -8.83
C LEU A 14 15.57 -6.34 -10.13
N GLY A 15 16.36 -5.29 -10.33
CA GLY A 15 17.28 -5.26 -11.46
C GLY A 15 16.73 -4.62 -12.72
N ASP A 16 15.55 -4.04 -12.62
CA ASP A 16 14.90 -3.42 -13.77
C ASP A 16 15.28 -1.96 -13.93
N GLN A 17 15.46 -1.52 -15.18
CA GLN A 17 15.83 -0.14 -15.44
C GLN A 17 14.59 0.74 -15.50
N LYS A 18 14.68 1.92 -14.92
CA LYS A 18 13.59 2.87 -15.03
C LYS A 18 14.14 4.29 -14.97
N ASN A 19 13.37 5.21 -15.54
CA ASN A 19 13.65 6.64 -15.44
C ASN A 19 13.04 7.20 -14.16
N ILE A 20 13.73 8.15 -13.56
CA ILE A 20 13.26 8.81 -12.35
CA ILE A 20 13.21 8.82 -12.38
C ILE A 20 13.37 10.32 -12.49
N ASN A 21 12.39 11.01 -11.91
CA ASN A 21 12.38 12.48 -11.88
C ASN A 21 13.27 13.00 -10.78
N THR A 22 14.25 13.81 -11.15
CA THR A 22 15.23 14.34 -10.22
C THR A 22 15.27 15.86 -10.33
N THR A 23 16.08 16.49 -9.49
CA THR A 23 16.27 17.93 -9.47
C THR A 23 17.76 18.21 -9.45
N TYR A 24 18.22 19.08 -10.34
CA TYR A 24 19.63 19.44 -10.40
C TYR A 24 19.91 20.79 -9.77
N SER A 25 20.84 20.77 -8.80
CA SER A 25 21.45 21.96 -8.24
C SER A 25 22.75 21.48 -7.60
N THR A 26 23.84 21.58 -8.36
CA THR A 26 25.16 21.03 -8.04
C THR A 26 25.18 19.50 -8.11
N TYR A 27 24.35 18.87 -7.29
CA TYR A 27 24.04 17.45 -7.37
C TYR A 27 22.68 17.24 -8.01
N TYR A 28 22.42 15.99 -8.39
CA TYR A 28 21.10 15.54 -8.77
C TYR A 28 20.44 14.88 -7.58
N TYR A 29 19.29 15.40 -7.19
CA TYR A 29 18.58 14.95 -6.01
C TYR A 29 17.36 14.13 -6.40
N LEU A 30 17.00 13.16 -5.56
CA LEU A 30 15.73 12.45 -5.71
C LEU A 30 14.59 13.32 -5.21
N GLN A 31 14.23 14.25 -6.08
CA GLN A 31 13.19 15.23 -5.86
C GLN A 31 12.46 15.35 -7.19
N ASP A 32 11.23 14.83 -7.21
CA ASP A 32 10.35 14.82 -8.37
C ASP A 32 9.40 15.99 -8.26
N ASN A 33 9.59 17.00 -9.12
CA ASN A 33 8.77 18.20 -9.09
C ASN A 33 7.53 18.09 -9.94
N THR A 34 7.34 16.95 -10.62
CA THR A 34 6.27 16.81 -11.60
C THR A 34 4.94 16.43 -10.98
N ARG A 35 4.97 16.09 -9.69
CA ARG A 35 3.78 15.60 -8.99
C ARG A 35 3.55 16.43 -7.73
N GLY A 36 2.44 17.14 -7.70
CA GLY A 36 2.06 17.90 -6.53
C GLY A 36 3.13 18.85 -6.07
N ASN A 37 3.37 18.90 -4.76
CA ASN A 37 4.41 19.71 -4.20
C ASN A 37 5.68 18.88 -3.95
N GLY A 38 5.82 17.83 -4.74
CA GLY A 38 7.05 17.10 -4.82
C GLY A 38 7.00 15.73 -4.15
N ILE A 39 7.87 14.85 -4.66
CA ILE A 39 8.18 13.55 -4.04
C ILE A 39 9.69 13.59 -3.76
N PHE A 40 10.05 13.31 -2.51
CA PHE A 40 11.40 13.47 -1.99
C PHE A 40 11.83 12.15 -1.37
N THR A 41 13.01 11.67 -1.75
CA THR A 41 13.52 10.42 -1.22
C THR A 41 14.87 10.66 -0.54
N TYR A 42 15.02 10.09 0.64
CA TYR A 42 16.10 10.34 1.57
C TYR A 42 16.88 9.07 1.89
N ASP A 43 18.16 9.25 2.23
CA ASP A 43 19.05 8.19 2.69
C ASP A 43 19.12 8.23 4.22
N ALA A 44 18.65 7.15 4.86
CA ALA A 44 18.80 7.00 6.33
C ALA A 44 20.13 6.37 6.73
N LYS A 45 20.93 5.90 5.78
CA LYS A 45 22.33 5.52 6.03
C LYS A 45 22.51 4.44 7.08
N TYR A 46 21.57 3.51 7.14
CA TYR A 46 21.56 2.38 8.06
C TYR A 46 21.25 2.78 9.50
N ARG A 47 20.90 4.04 9.74
CA ARG A 47 20.58 4.52 11.06
C ARG A 47 19.08 4.75 11.16
N THR A 48 18.64 5.25 12.31
CA THR A 48 17.22 5.38 12.60
C THR A 48 16.77 6.83 12.84
N THR A 49 17.67 7.77 12.60
CA THR A 49 17.34 9.19 12.59
CA THR A 49 17.27 9.16 12.64
C THR A 49 16.65 9.53 11.29
N LEU A 50 15.49 10.20 11.36
CA LEU A 50 14.68 10.48 10.19
C LEU A 50 14.46 11.96 9.99
N PRO A 51 14.40 12.38 8.72
CA PRO A 51 14.39 11.54 7.51
C PRO A 51 15.76 11.11 7.02
N GLY A 52 16.84 11.69 7.54
CA GLY A 52 18.15 11.49 6.97
C GLY A 52 18.41 12.59 5.96
N SER A 53 19.20 12.29 4.94
CA SER A 53 19.59 13.34 4.00
CA SER A 53 19.68 13.27 3.97
C SER A 53 18.95 13.13 2.64
N LEU A 54 18.49 14.23 2.05
CA LEU A 54 17.86 14.16 0.73
C LEU A 54 18.85 13.51 -0.22
N TRP A 55 18.40 12.51 -0.98
CA TRP A 55 19.33 11.68 -1.74
C TRP A 55 20.00 12.49 -2.84
N ALA A 56 21.32 12.57 -2.79
CA ALA A 56 22.16 13.32 -3.73
C ALA A 56 23.05 12.37 -4.53
N ASP A 57 23.16 12.64 -5.81
CA ASP A 57 23.92 11.81 -6.73
C ASP A 57 24.68 12.72 -7.72
N ALA A 58 25.94 12.39 -7.98
CA ALA A 58 26.77 13.26 -8.80
C ALA A 58 26.39 13.31 -10.28
N ASP A 59 25.90 12.20 -10.84
CA ASP A 59 25.79 12.10 -12.29
C ASP A 59 24.39 11.76 -12.84
N ASN A 60 23.39 11.65 -11.97
CA ASN A 60 22.02 11.36 -12.42
C ASN A 60 21.82 9.95 -12.93
N GLN A 61 22.77 9.08 -12.62
CA GLN A 61 22.70 7.66 -12.97
CA GLN A 61 22.70 7.66 -12.96
C GLN A 61 22.67 6.88 -11.66
N PHE A 62 21.72 5.97 -11.54
CA PHE A 62 21.44 5.31 -10.27
C PHE A 62 21.47 3.79 -10.43
N PHE A 63 22.65 3.28 -10.82
CA PHE A 63 22.85 1.86 -11.08
C PHE A 63 23.63 1.12 -10.00
N ALA A 64 24.02 1.80 -8.92
CA ALA A 64 24.76 1.14 -7.85
C ALA A 64 23.80 0.30 -7.03
N SER A 65 24.27 -0.78 -6.43
CA SER A 65 23.42 -1.60 -5.57
CA SER A 65 23.40 -1.59 -5.61
C SER A 65 22.79 -0.75 -4.47
N TYR A 66 23.58 0.16 -3.90
CA TYR A 66 23.10 1.01 -2.82
C TYR A 66 21.94 1.94 -3.28
N ASP A 67 21.91 2.25 -4.57
CA ASP A 67 20.90 3.14 -5.13
C ASP A 67 19.54 2.46 -5.29
N ALA A 68 19.52 1.14 -5.42
CA ALA A 68 18.32 0.46 -5.89
C ALA A 68 17.08 0.69 -5.02
N PRO A 69 17.22 0.62 -3.68
CA PRO A 69 16.01 0.86 -2.88
C PRO A 69 15.46 2.29 -3.03
N ALA A 70 16.36 3.25 -3.25
CA ALA A 70 15.96 4.63 -3.41
C ALA A 70 15.23 4.81 -4.75
N VAL A 71 15.77 4.23 -5.82
CA VAL A 71 15.13 4.28 -7.12
C VAL A 71 13.67 3.81 -7.01
N ASP A 72 13.46 2.68 -6.37
CA ASP A 72 12.11 2.11 -6.30
C ASP A 72 11.19 2.86 -5.35
N ALA A 73 11.68 3.32 -4.19
CA ALA A 73 10.83 4.09 -3.31
C ALA A 73 10.33 5.34 -4.04
N HIS A 74 11.23 5.98 -4.77
CA HIS A 74 10.95 7.23 -5.47
C HIS A 74 9.95 6.97 -6.61
N TYR A 75 10.26 5.99 -7.46
CA TYR A 75 9.45 5.69 -8.63
C TYR A 75 8.06 5.18 -8.24
N TYR A 76 8.00 4.26 -7.29
CA TYR A 76 6.71 3.70 -6.89
C TYR A 76 5.84 4.70 -6.11
N ALA A 77 6.46 5.63 -5.41
CA ALA A 77 5.67 6.72 -4.83
C ALA A 77 5.01 7.52 -5.95
N GLY A 78 5.72 7.75 -7.06
CA GLY A 78 5.14 8.41 -8.21
C GLY A 78 3.96 7.66 -8.79
N VAL A 79 4.10 6.34 -8.94
CA VAL A 79 3.00 5.55 -9.49
C VAL A 79 1.78 5.64 -8.56
N THR A 80 2.02 5.59 -7.26
CA THR A 80 0.94 5.63 -6.29
C THR A 80 0.24 7.00 -6.30
N TYR A 81 1.02 8.07 -6.39
CA TYR A 81 0.46 9.41 -6.58
C TYR A 81 -0.44 9.45 -7.81
N ASP A 82 0.05 8.90 -8.91
CA ASP A 82 -0.71 8.91 -10.15
C ASP A 82 -2.01 8.12 -10.00
N TYR A 83 -1.98 6.98 -9.32
CA TYR A 83 -3.18 6.21 -9.12
C TYR A 83 -4.22 7.05 -8.38
N TYR A 84 -3.83 7.64 -7.26
CA TYR A 84 -4.82 8.38 -6.47
C TYR A 84 -5.35 9.59 -7.25
N LYS A 85 -4.49 10.28 -7.99
CA LYS A 85 -4.93 11.46 -8.74
C LYS A 85 -5.83 11.06 -9.91
N ASN A 86 -5.37 10.12 -10.71
CA ASN A 86 -6.03 9.76 -11.96
C ASN A 86 -7.31 8.95 -11.73
N VAL A 87 -7.29 8.07 -10.74
CA VAL A 87 -8.41 7.17 -10.49
C VAL A 87 -9.42 7.77 -9.52
N HIS A 88 -8.95 8.45 -8.47
CA HIS A 88 -9.84 8.96 -7.42
C HIS A 88 -9.89 10.47 -7.30
N ASN A 89 -9.19 11.19 -8.18
CA ASN A 89 -9.15 12.65 -8.12
C ASN A 89 -8.69 13.14 -6.76
N ARG A 90 -7.73 12.42 -6.18
CA ARG A 90 -7.14 12.81 -4.91
C ARG A 90 -5.70 13.26 -5.13
N LEU A 91 -5.38 14.45 -4.65
CA LEU A 91 -4.07 15.06 -4.81
C LEU A 91 -3.21 14.81 -3.57
N SER A 92 -2.33 13.82 -3.69
CA SER A 92 -1.48 13.36 -2.60
C SER A 92 -2.30 12.82 -1.41
N TYR A 93 -1.61 12.51 -0.33
CA TYR A 93 -2.29 11.81 0.76
C TYR A 93 -3.26 12.68 1.54
N ASP A 94 -3.02 14.00 1.55
CA ASP A 94 -3.88 14.92 2.29
C ASP A 94 -4.95 15.56 1.40
N GLY A 95 -4.97 15.25 0.10
CA GLY A 95 -5.92 15.86 -0.81
C GLY A 95 -5.54 17.26 -1.25
N ASN A 96 -4.41 17.79 -0.78
CA ASN A 96 -3.94 19.13 -1.10
C ASN A 96 -2.48 19.13 -1.54
N ASN A 97 -2.05 18.03 -2.15
CA ASN A 97 -0.72 17.94 -2.73
C ASN A 97 0.42 18.08 -1.71
N ALA A 98 0.24 17.54 -0.51
CA ALA A 98 1.35 17.48 0.44
C ALA A 98 2.56 16.80 -0.19
N ALA A 99 3.73 17.32 0.11
CA ALA A 99 4.98 16.68 -0.28
C ALA A 99 5.03 15.27 0.27
N ILE A 100 5.47 14.34 -0.55
CA ILE A 100 5.59 12.93 -0.17
C ILE A 100 7.05 12.62 0.09
N ARG A 101 7.37 12.19 1.31
CA ARG A 101 8.73 11.93 1.73
C ARG A 101 8.90 10.46 2.11
N SER A 102 10.00 9.88 1.66
CA SER A 102 10.38 8.49 1.98
C SER A 102 11.83 8.42 2.36
N SER A 103 12.17 7.57 3.33
CA SER A 103 13.57 7.27 3.64
C SER A 103 13.84 5.79 3.41
N VAL A 104 14.97 5.48 2.80
CA VAL A 104 15.41 4.09 2.59
C VAL A 104 16.70 3.85 3.34
N HIS A 105 17.13 2.60 3.34
CA HIS A 105 18.26 2.16 4.15
C HIS A 105 18.06 2.48 5.63
N TYR A 106 16.83 2.30 6.12
CA TYR A 106 16.53 2.50 7.53
C TYR A 106 17.04 1.34 8.36
N SER A 107 17.87 1.65 9.36
CA SER A 107 18.38 0.68 10.33
C SER A 107 19.22 -0.39 9.61
N GLN A 108 19.42 -1.53 10.29
CA GLN A 108 20.21 -2.64 9.76
C GLN A 108 19.39 -3.91 9.81
N GLY A 109 19.35 -4.65 8.71
CA GLY A 109 18.59 -5.89 8.66
C GLY A 109 17.11 -5.73 8.97
N TYR A 110 16.54 -4.59 8.57
CA TYR A 110 15.23 -4.20 9.10
C TYR A 110 14.11 -4.76 8.22
N ASN A 111 13.38 -5.73 8.77
CA ASN A 111 12.38 -6.49 8.04
C ASN A 111 11.01 -5.84 8.11
N ASN A 112 10.92 -4.56 7.74
CA ASN A 112 9.63 -3.89 7.77
C ASN A 112 9.71 -2.57 7.03
N ALA A 113 8.54 -1.95 6.88
CA ALA A 113 8.37 -0.63 6.33
C ALA A 113 7.18 -0.03 7.06
N PHE A 114 7.10 1.30 7.13
CA PHE A 114 6.03 1.94 7.88
C PHE A 114 5.85 3.40 7.50
N TRP A 115 4.71 3.94 7.87
CA TRP A 115 4.42 5.36 7.85
C TRP A 115 4.56 5.85 9.28
N ASN A 116 5.43 6.83 9.53
CA ASN A 116 5.74 7.23 10.91
C ASN A 116 4.89 8.38 11.43
N GLY A 117 3.81 8.72 10.70
CA GLY A 117 2.98 9.88 11.00
C GLY A 117 3.26 11.06 10.07
N SER A 118 4.42 11.03 9.40
CA SER A 118 4.89 12.13 8.58
C SER A 118 5.55 11.71 7.26
N GLN A 119 6.00 10.47 7.15
CA GLN A 119 6.76 10.02 6.00
C GLN A 119 6.77 8.50 5.95
N MET A 120 7.14 7.97 4.79
CA MET A 120 7.36 6.53 4.62
C MET A 120 8.80 6.18 4.96
N VAL A 121 8.97 4.96 5.48
CA VAL A 121 10.25 4.46 5.94
C VAL A 121 10.41 3.01 5.50
N TYR A 122 11.53 2.69 4.88
CA TYR A 122 11.78 1.33 4.35
C TYR A 122 13.07 0.73 4.87
N GLY A 123 12.97 -0.43 5.50
CA GLY A 123 14.15 -1.23 5.78
C GLY A 123 14.72 -1.88 4.53
N ASP A 124 15.95 -2.39 4.68
CA ASP A 124 16.59 -3.18 3.63
C ASP A 124 16.28 -4.67 3.73
N GLY A 125 15.65 -5.08 4.82
CA GLY A 125 15.50 -6.50 5.12
C GLY A 125 16.83 -7.12 5.51
N ASP A 126 16.78 -8.37 5.96
CA ASP A 126 17.98 -9.07 6.37
C ASP A 126 18.49 -10.01 5.29
N GLY A 127 17.89 -9.96 4.12
CA GLY A 127 18.29 -10.80 3.00
C GLY A 127 17.71 -12.20 3.02
N GLN A 128 17.02 -12.53 4.10
CA GLN A 128 16.39 -13.84 4.28
C GLN A 128 14.89 -13.74 4.31
N THR A 129 14.35 -12.95 5.23
CA THR A 129 12.90 -12.69 5.28
C THR A 129 12.49 -11.68 4.21
N PHE A 130 13.27 -10.61 4.04
CA PHE A 130 13.01 -9.58 3.02
C PHE A 130 14.30 -9.15 2.36
N ILE A 131 14.17 -8.72 1.10
CA ILE A 131 15.12 -7.83 0.46
C ILE A 131 14.53 -6.39 0.58
N PRO A 132 15.25 -5.37 0.10
CA PRO A 132 14.77 -4.02 0.44
C PRO A 132 13.32 -3.77 0.04
N LEU A 133 12.53 -3.30 0.99
CA LEU A 133 11.08 -3.45 0.89
C LEU A 133 10.42 -2.53 -0.11
N SER A 134 11.12 -1.45 -0.48
CA SER A 134 10.60 -0.57 -1.51
C SER A 134 10.60 -1.23 -2.89
N GLY A 135 11.20 -2.42 -3.05
CA GLY A 135 11.12 -3.14 -4.31
C GLY A 135 9.73 -3.68 -4.64
N GLY A 136 8.82 -3.64 -3.68
CA GLY A 136 7.44 -4.07 -3.91
C GLY A 136 6.53 -2.87 -4.11
N ILE A 137 5.91 -2.79 -5.28
CA ILE A 137 4.98 -1.69 -5.54
C ILE A 137 3.78 -1.77 -4.59
N ASP A 138 3.29 -2.98 -4.30
CA ASP A 138 2.22 -3.13 -3.35
C ASP A 138 2.62 -2.66 -1.97
N VAL A 139 3.88 -2.86 -1.59
CA VAL A 139 4.38 -2.38 -0.30
C VAL A 139 4.41 -0.85 -0.26
N VAL A 140 4.99 -0.22 -1.27
CA VAL A 140 5.05 1.23 -1.31
C VAL A 140 3.64 1.82 -1.23
N ALA A 141 2.73 1.29 -2.04
CA ALA A 141 1.36 1.79 -2.04
C ALA A 141 0.63 1.50 -0.71
N HIS A 142 0.93 0.35 -0.09
CA HIS A 142 0.42 0.04 1.24
C HIS A 142 0.82 1.15 2.22
N GLU A 143 2.09 1.53 2.20
CA GLU A 143 2.58 2.55 3.12
C GLU A 143 1.96 3.92 2.87
N LEU A 144 1.89 4.35 1.61
CA LEU A 144 1.33 5.66 1.33
C LEU A 144 -0.15 5.67 1.67
N THR A 145 -0.80 4.52 1.50
CA THR A 145 -2.21 4.44 1.84
C THR A 145 -2.46 4.61 3.35
N HIS A 146 -1.52 4.22 4.21
CA HIS A 146 -1.66 4.54 5.62
C HIS A 146 -1.79 6.05 5.82
N ALA A 147 -1.02 6.85 5.09
CA ALA A 147 -1.13 8.31 5.17
C ALA A 147 -2.51 8.79 4.71
N VAL A 148 -3.03 8.20 3.63
CA VAL A 148 -4.38 8.53 3.16
C VAL A 148 -5.42 8.24 4.25
N THR A 149 -5.34 7.04 4.82
CA THR A 149 -6.23 6.67 5.90
C THR A 149 -6.16 7.65 7.08
N ASP A 150 -4.93 7.97 7.48
CA ASP A 150 -4.76 8.85 8.63
C ASP A 150 -5.36 10.24 8.40
N TYR A 151 -5.35 10.72 7.15
CA TYR A 151 -5.91 12.01 6.81
C TYR A 151 -7.43 11.98 6.58
N THR A 152 -8.01 10.79 6.48
CA THR A 152 -9.41 10.64 6.11
C THR A 152 -10.14 9.93 7.25
N ALA A 153 -10.41 8.63 7.12
CA ALA A 153 -11.15 7.94 8.17
C ALA A 153 -10.48 8.03 9.54
N GLY A 154 -9.15 7.92 9.57
CA GLY A 154 -8.43 8.02 10.83
C GLY A 154 -8.54 6.79 11.71
N LEU A 155 -8.79 5.64 11.08
CA LEU A 155 -8.93 4.37 11.78
C LEU A 155 -7.82 4.13 12.77
N ILE A 156 -8.22 3.98 14.04
CA ILE A 156 -7.29 3.76 15.14
CA ILE A 156 -7.31 3.74 15.15
C ILE A 156 -6.59 2.42 14.92
N TYR A 157 -5.28 2.38 15.16
CA TYR A 157 -4.46 1.21 14.79
C TYR A 157 -4.46 0.08 15.82
N GLN A 158 -5.64 -0.43 16.13
CA GLN A 158 -5.76 -1.57 17.01
C GLN A 158 -7.12 -2.22 16.81
N ASN A 159 -7.20 -3.51 17.11
CA ASN A 159 -8.46 -4.25 17.07
C ASN A 159 -9.15 -4.11 15.72
N GLU A 160 -10.48 -4.06 15.67
CA GLU A 160 -11.15 -4.10 14.38
C GLU A 160 -10.87 -2.88 13.52
N SER A 161 -10.89 -1.69 14.09
CA SER A 161 -10.59 -0.50 13.29
C SER A 161 -9.19 -0.62 12.69
N GLY A 162 -8.25 -1.19 13.44
CA GLY A 162 -6.89 -1.34 12.96
C GLY A 162 -6.74 -2.39 11.88
N ALA A 163 -7.54 -3.47 11.97
CA ALA A 163 -7.57 -4.46 10.91
C ALA A 163 -8.17 -3.88 9.64
N ILE A 164 -9.17 -3.00 9.77
CA ILE A 164 -9.70 -2.32 8.59
C ILE A 164 -8.62 -1.40 8.00
N ASN A 165 -7.91 -0.67 8.85
CA ASN A 165 -6.81 0.17 8.43
C ASN A 165 -5.81 -0.64 7.59
N GLU A 166 -5.40 -1.80 8.11
CA GLU A 166 -4.50 -2.68 7.40
C GLU A 166 -5.07 -3.16 6.06
N ALA A 167 -6.31 -3.62 6.07
CA ALA A 167 -6.93 -4.12 4.86
C ALA A 167 -7.01 -3.03 3.80
N ILE A 168 -7.34 -1.80 4.21
CA ILE A 168 -7.40 -0.69 3.25
C ILE A 168 -6.02 -0.52 2.58
N SER A 169 -4.94 -0.60 3.36
CA SER A 169 -3.60 -0.53 2.78
C SER A 169 -3.28 -1.71 1.85
N ASP A 170 -3.72 -2.93 2.20
CA ASP A 170 -3.52 -4.06 1.31
C ASP A 170 -4.36 -3.96 0.02
N ILE A 171 -5.60 -3.51 0.15
CA ILE A 171 -6.50 -3.35 -0.97
C ILE A 171 -5.94 -2.34 -1.95
N PHE A 172 -5.62 -1.14 -1.48
CA PHE A 172 -5.09 -0.15 -2.41
C PHE A 172 -3.68 -0.46 -2.84
N GLY A 173 -2.89 -1.12 -2.02
CA GLY A 173 -1.58 -1.59 -2.47
C GLY A 173 -1.72 -2.48 -3.70
N THR A 174 -2.69 -3.40 -3.62
CA THR A 174 -3.01 -4.31 -4.71
C THR A 174 -3.59 -3.59 -5.92
N LEU A 175 -4.51 -2.64 -5.69
CA LEU A 175 -5.07 -1.92 -6.81
C LEU A 175 -4.00 -1.10 -7.53
N VAL A 176 -3.04 -0.54 -6.80
CA VAL A 176 -1.93 0.17 -7.43
C VAL A 176 -1.04 -0.79 -8.22
N GLU A 177 -0.81 -1.98 -7.68
CA GLU A 177 -0.05 -3.00 -8.38
C GLU A 177 -0.74 -3.35 -9.71
N PHE A 178 -2.06 -3.51 -9.71
CA PHE A 178 -2.77 -3.75 -10.95
C PHE A 178 -2.71 -2.54 -11.89
N TYR A 179 -2.76 -1.33 -11.33
CA TYR A 179 -2.68 -0.11 -12.14
C TYR A 179 -1.36 -0.06 -12.94
N ALA A 180 -0.26 -0.39 -12.28
CA ALA A 180 1.05 -0.42 -12.95
C ALA A 180 1.14 -1.59 -13.92
N ASN A 181 0.39 -2.64 -13.63
CA ASN A 181 0.22 -3.79 -14.51
C ASN A 181 1.49 -4.59 -14.84
N LYS A 182 2.38 -4.73 -13.87
CA LYS A 182 3.53 -5.64 -13.96
C LYS A 182 3.41 -6.76 -12.93
N ASN A 183 3.21 -7.96 -13.44
CA ASN A 183 2.98 -9.15 -12.63
C ASN A 183 1.97 -8.93 -11.50
N PRO A 184 0.78 -8.38 -11.83
CA PRO A 184 -0.14 -8.10 -10.72
C PRO A 184 -0.78 -9.37 -10.17
N ASP A 185 -1.14 -9.32 -8.89
CA ASP A 185 -1.76 -10.42 -8.19
C ASP A 185 -2.50 -9.89 -6.97
N TRP A 186 -3.16 -10.80 -6.26
CA TRP A 186 -3.86 -10.50 -5.02
C TRP A 186 -3.07 -10.96 -3.79
N GLU A 187 -1.75 -11.05 -3.96
CA GLU A 187 -0.82 -11.38 -2.89
C GLU A 187 -0.15 -10.10 -2.42
N ILE A 188 0.36 -10.10 -1.20
CA ILE A 188 1.04 -8.93 -0.64
C ILE A 188 2.51 -9.21 -0.40
N GLY A 189 3.36 -8.40 -1.02
CA GLY A 189 4.76 -8.38 -0.71
C GLY A 189 5.60 -9.45 -1.42
N GLU A 190 4.99 -10.19 -2.35
CA GLU A 190 5.67 -11.31 -3.00
C GLU A 190 7.00 -10.93 -3.68
N ASP A 191 7.15 -9.70 -4.15
CA ASP A 191 8.36 -9.32 -4.89
C ASP A 191 9.57 -9.13 -3.98
N VAL A 192 9.34 -8.92 -2.68
CA VAL A 192 10.46 -8.65 -1.77
C VAL A 192 10.54 -9.63 -0.60
N TYR A 193 9.58 -10.55 -0.48
CA TYR A 193 9.54 -11.51 0.62
C TYR A 193 10.32 -12.78 0.26
N THR A 194 11.12 -13.24 1.21
CA THR A 194 11.82 -14.55 1.15
C THR A 194 12.45 -14.84 -0.20
N PRO A 195 13.57 -14.17 -0.49
CA PRO A 195 14.18 -14.40 -1.81
C PRO A 195 14.57 -15.86 -2.08
N GLY A 196 14.77 -16.64 -1.02
CA GLY A 196 15.13 -18.04 -1.19
C GLY A 196 13.96 -18.99 -1.39
N ILE A 197 12.73 -18.48 -1.33
CA ILE A 197 11.53 -19.28 -1.49
C ILE A 197 10.65 -18.68 -2.58
N SER A 198 10.40 -19.43 -3.64
CA SER A 198 9.57 -18.95 -4.74
C SER A 198 8.11 -19.23 -4.46
N GLY A 199 7.24 -18.35 -4.91
CA GLY A 199 5.82 -18.63 -4.95
C GLY A 199 5.06 -18.30 -3.68
N ASP A 200 5.76 -17.75 -2.69
CA ASP A 200 5.09 -17.39 -1.44
C ASP A 200 4.90 -15.87 -1.36
N SER A 201 4.34 -15.43 -0.25
CA SER A 201 4.13 -14.01 -0.02
CA SER A 201 3.99 -14.03 -0.04
C SER A 201 3.87 -13.79 1.46
N LEU A 202 3.81 -12.53 1.85
CA LEU A 202 3.62 -12.19 3.24
C LEU A 202 2.16 -12.44 3.66
N ARG A 203 1.22 -12.01 2.82
CA ARG A 203 -0.22 -12.28 3.01
C ARG A 203 -0.82 -12.57 1.65
N SER A 204 -1.98 -13.22 1.66
CA SER A 204 -2.79 -13.43 0.48
C SER A 204 -4.18 -12.87 0.73
N MET A 205 -4.68 -12.06 -0.21
CA MET A 205 -6.04 -11.59 -0.15
C MET A 205 -7.03 -12.63 -0.68
N SER A 206 -6.61 -13.39 -1.68
CA SER A 206 -7.47 -14.38 -2.30
C SER A 206 -7.67 -15.58 -1.40
N ASP A 207 -6.66 -15.93 -0.60
CA ASP A 207 -6.77 -17.04 0.32
C ASP A 207 -5.93 -16.73 1.56
N PRO A 208 -6.45 -15.88 2.46
CA PRO A 208 -5.65 -15.45 3.61
C PRO A 208 -5.14 -16.64 4.44
N ALA A 209 -5.89 -17.72 4.47
CA ALA A 209 -5.55 -18.87 5.30
C ALA A 209 -4.26 -19.56 4.85
N LYS A 210 -3.84 -19.34 3.61
CA LYS A 210 -2.61 -19.94 3.10
CA LYS A 210 -2.59 -19.91 3.09
C LYS A 210 -1.41 -19.54 3.97
N TYR A 211 -1.46 -18.33 4.52
CA TYR A 211 -0.37 -17.78 5.34
C TYR A 211 -0.84 -17.57 6.77
N GLY A 212 -1.87 -18.33 7.16
CA GLY A 212 -2.32 -18.41 8.55
C GLY A 212 -3.33 -17.39 9.04
N ASP A 213 -3.84 -16.57 8.14
CA ASP A 213 -4.74 -15.50 8.54
C ASP A 213 -6.20 -15.91 8.34
N PRO A 214 -7.10 -15.37 9.18
CA PRO A 214 -8.51 -15.75 9.09
C PRO A 214 -9.18 -15.24 7.82
N ASP A 215 -10.14 -16.03 7.36
CA ASP A 215 -10.93 -15.70 6.18
C ASP A 215 -12.42 -15.72 6.49
N HIS A 216 -12.73 -15.65 7.79
CA HIS A 216 -14.08 -15.66 8.28
C HIS A 216 -14.07 -15.05 9.68
N TYR A 217 -15.08 -14.26 9.99
CA TYR A 217 -15.13 -13.55 11.27
C TYR A 217 -15.09 -14.51 12.46
N SER A 218 -15.63 -15.73 12.28
CA SER A 218 -15.59 -16.76 13.32
C SER A 218 -14.17 -17.18 13.70
N LYS A 219 -13.20 -16.86 12.87
CA LYS A 219 -11.80 -17.24 13.10
C LYS A 219 -10.96 -16.04 13.52
N ARG A 220 -11.60 -14.92 13.87
CA ARG A 220 -10.84 -13.73 14.22
C ARG A 220 -9.98 -13.96 15.47
N TYR A 221 -8.85 -13.26 15.50
CA TYR A 221 -7.97 -13.22 16.64
C TYR A 221 -8.41 -12.13 17.63
N THR A 222 -8.45 -12.44 18.93
CA THR A 222 -8.87 -11.42 19.89
C THR A 222 -7.87 -11.27 21.03
N GLY A 223 -6.64 -11.76 20.82
CA GLY A 223 -5.55 -11.54 21.75
C GLY A 223 -4.93 -10.18 21.54
N THR A 224 -3.79 -9.96 22.20
CA THR A 224 -3.19 -8.64 22.23
C THR A 224 -1.97 -8.46 21.30
N GLN A 225 -1.43 -9.53 20.76
CA GLN A 225 -0.29 -9.48 19.83
CA GLN A 225 -0.27 -9.41 19.88
C GLN A 225 -0.67 -8.62 18.64
N ASP A 226 0.31 -7.97 18.03
CA ASP A 226 0.09 -7.27 16.77
C ASP A 226 -1.04 -6.26 16.88
N ASN A 227 -1.04 -5.51 17.96
CA ASN A 227 -2.06 -4.47 18.19
C ASN A 227 -3.46 -5.04 18.11
N GLY A 228 -3.66 -6.25 18.65
CA GLY A 228 -4.94 -6.90 18.58
C GLY A 228 -5.17 -7.54 17.22
N GLY A 229 -4.11 -7.98 16.56
CA GLY A 229 -4.22 -8.71 15.32
C GLY A 229 -4.47 -7.89 14.06
N VAL A 230 -3.95 -6.68 13.98
CA VAL A 230 -4.30 -5.84 12.83
C VAL A 230 -3.85 -6.42 11.49
N HIS A 231 -2.70 -7.11 11.45
CA HIS A 231 -2.23 -7.74 10.22
C HIS A 231 -2.75 -9.17 10.02
N ILE A 232 -3.52 -9.64 10.99
CA ILE A 232 -4.09 -10.99 11.02
C ILE A 232 -5.55 -10.90 10.60
N ASN A 233 -6.33 -10.15 11.37
CA ASN A 233 -7.76 -9.97 11.09
C ASN A 233 -8.02 -9.19 9.81
N SER A 234 -7.01 -8.49 9.28
CA SER A 234 -7.15 -7.87 7.98
C SER A 234 -7.54 -8.90 6.93
N GLY A 235 -7.18 -10.18 7.13
CA GLY A 235 -7.54 -11.21 6.17
C GLY A 235 -9.03 -11.34 5.93
N ILE A 236 -9.83 -11.07 6.96
CA ILE A 236 -11.27 -11.19 6.82
C ILE A 236 -11.79 -10.14 5.84
N ILE A 237 -11.28 -8.92 5.95
CA ILE A 237 -11.67 -7.83 5.07
C ILE A 237 -11.02 -7.96 3.68
N ASN A 238 -9.77 -8.39 3.63
CA ASN A 238 -9.11 -8.64 2.37
C ASN A 238 -9.85 -9.68 1.55
N LYS A 239 -10.30 -10.75 2.21
CA LYS A 239 -11.09 -11.76 1.54
C LYS A 239 -12.39 -11.18 1.00
N ALA A 240 -13.09 -10.37 1.81
CA ALA A 240 -14.32 -9.76 1.32
C ALA A 240 -14.05 -8.89 0.09
N ALA A 241 -12.97 -8.10 0.11
CA ALA A 241 -12.64 -7.25 -1.03
C ALA A 241 -12.32 -8.07 -2.27
N TYR A 242 -11.51 -9.11 -2.10
CA TYR A 242 -11.21 -10.03 -3.19
C TYR A 242 -12.50 -10.61 -3.79
N LEU A 243 -13.43 -11.03 -2.94
CA LEU A 243 -14.68 -11.60 -3.44
C LEU A 243 -15.52 -10.58 -4.18
N ILE A 244 -15.61 -9.35 -3.67
CA ILE A 244 -16.35 -8.31 -4.35
C ILE A 244 -15.81 -8.14 -5.77
N SER A 245 -14.49 -8.09 -5.91
CA SER A 245 -13.89 -7.86 -7.21
C SER A 245 -14.00 -9.08 -8.12
N GLN A 246 -13.56 -10.23 -7.63
CA GLN A 246 -13.31 -11.40 -8.45
C GLN A 246 -14.38 -12.46 -8.38
N GLY A 247 -15.26 -12.37 -7.40
CA GLY A 247 -16.29 -13.38 -7.17
C GLY A 247 -15.74 -14.66 -6.57
N GLY A 248 -16.65 -15.58 -6.26
CA GLY A 248 -16.28 -16.90 -5.80
C GLY A 248 -17.32 -17.43 -4.85
N THR A 249 -17.18 -18.69 -4.47
CA THR A 249 -18.05 -19.28 -3.44
C THR A 249 -17.19 -19.66 -2.25
N HIS A 250 -17.51 -19.10 -1.10
CA HIS A 250 -16.69 -19.17 0.10
C HIS A 250 -17.59 -19.58 1.26
N TYR A 251 -17.25 -20.72 1.88
CA TYR A 251 -18.10 -21.37 2.89
C TYR A 251 -19.54 -21.46 2.39
N GLY A 252 -19.69 -21.83 1.12
CA GLY A 252 -21.00 -22.05 0.52
C GLY A 252 -21.76 -20.82 0.07
N VAL A 253 -21.22 -19.63 0.30
CA VAL A 253 -21.86 -18.38 -0.08
C VAL A 253 -21.25 -17.86 -1.38
N SER A 254 -22.06 -17.73 -2.42
CA SER A 254 -21.59 -17.30 -3.74
C SER A 254 -21.67 -15.78 -3.91
N VAL A 255 -20.59 -15.22 -4.44
CA VAL A 255 -20.49 -13.80 -4.68
C VAL A 255 -20.25 -13.58 -6.16
N VAL A 256 -21.04 -12.68 -6.74
CA VAL A 256 -20.84 -12.27 -8.11
C VAL A 256 -19.82 -11.13 -8.17
N GLY A 257 -18.70 -11.35 -8.84
CA GLY A 257 -17.66 -10.34 -8.92
C GLY A 257 -18.04 -9.16 -9.78
N ILE A 258 -17.59 -7.97 -9.39
CA ILE A 258 -17.90 -6.74 -10.11
C ILE A 258 -16.66 -6.04 -10.65
N GLY A 259 -15.47 -6.59 -10.37
CA GLY A 259 -14.23 -6.07 -10.92
C GLY A 259 -13.51 -5.08 -10.02
N ARG A 260 -12.23 -4.88 -10.32
CA ARG A 260 -11.33 -4.10 -9.48
C ARG A 260 -11.69 -2.62 -9.43
N ASP A 261 -12.10 -2.05 -10.56
CA ASP A 261 -12.35 -0.63 -10.59
C ASP A 261 -13.50 -0.28 -9.67
N LYS A 262 -14.56 -1.07 -9.72
CA LYS A 262 -15.69 -0.83 -8.86
C LYS A 262 -15.38 -1.10 -7.37
N LEU A 263 -14.61 -2.16 -7.09
CA LEU A 263 -14.11 -2.37 -5.74
C LEU A 263 -13.41 -1.10 -5.23
N GLY A 264 -12.51 -0.56 -6.03
CA GLY A 264 -11.77 0.62 -5.63
C GLY A 264 -12.66 1.83 -5.40
N LYS A 265 -13.64 2.03 -6.27
CA LYS A 265 -14.56 3.16 -6.09
C LYS A 265 -15.35 3.02 -4.79
N ILE A 266 -15.86 1.81 -4.51
CA ILE A 266 -16.66 1.57 -3.34
C ILE A 266 -15.84 1.78 -2.07
N PHE A 267 -14.65 1.21 -2.02
CA PHE A 267 -13.82 1.31 -0.82
C PHE A 267 -13.23 2.71 -0.64
N TYR A 268 -12.92 3.40 -1.74
CA TYR A 268 -12.40 4.76 -1.61
C TYR A 268 -13.50 5.67 -1.03
N ARG A 269 -14.72 5.51 -1.51
CA ARG A 269 -15.84 6.29 -0.99
C ARG A 269 -16.09 5.95 0.47
N ALA A 270 -16.06 4.67 0.82
CA ALA A 270 -16.27 4.29 2.22
C ALA A 270 -15.21 4.94 3.11
N LEU A 271 -13.95 4.87 2.67
CA LEU A 271 -12.83 5.39 3.43
C LEU A 271 -12.96 6.89 3.69
N THR A 272 -13.41 7.61 2.66
CA THR A 272 -13.38 9.06 2.69
C THR A 272 -14.68 9.73 3.09
N GLN A 273 -15.79 9.01 3.04
CA GLN A 273 -17.08 9.62 3.38
CA GLN A 273 -17.10 9.59 3.35
C GLN A 273 -17.84 8.96 4.53
N TYR A 274 -17.48 7.73 4.91
CA TYR A 274 -18.28 7.02 5.90
C TYR A 274 -17.55 6.45 7.10
N LEU A 275 -16.34 5.90 6.90
CA LEU A 275 -15.58 5.33 8.02
C LEU A 275 -15.10 6.42 8.98
N THR A 276 -14.95 6.04 10.23
CA THR A 276 -14.51 6.94 11.29
C THR A 276 -13.39 6.25 12.07
N PRO A 277 -12.77 6.96 13.02
CA PRO A 277 -11.63 6.35 13.69
C PRO A 277 -11.95 5.05 14.40
N THR A 278 -13.20 4.90 14.84
CA THR A 278 -13.58 3.74 15.64
C THR A 278 -14.42 2.71 14.89
N SER A 279 -14.54 2.83 13.57
CA SER A 279 -15.34 1.86 12.83
C SER A 279 -14.92 0.43 13.09
N ASN A 280 -15.91 -0.43 13.30
CA ASN A 280 -15.67 -1.87 13.38
C ASN A 280 -16.10 -2.56 12.08
N PHE A 281 -15.94 -3.89 12.01
CA PHE A 281 -16.22 -4.59 10.76
C PHE A 281 -17.67 -4.45 10.29
N SER A 282 -18.61 -4.52 11.21
CA SER A 282 -20.02 -4.37 10.89
C SER A 282 -20.29 -2.96 10.31
N GLN A 283 -19.63 -1.97 10.88
CA GLN A 283 -19.75 -0.59 10.38
C GLN A 283 -19.08 -0.42 9.02
N LEU A 284 -18.00 -1.16 8.75
CA LEU A 284 -17.43 -1.17 7.42
C LEU A 284 -18.41 -1.76 6.41
N ARG A 285 -19.06 -2.87 6.75
CA ARG A 285 -20.06 -3.43 5.84
C ARG A 285 -21.10 -2.37 5.50
N ALA A 286 -21.60 -1.67 6.51
CA ALA A 286 -22.63 -0.67 6.28
C ALA A 286 -22.10 0.48 5.41
N ALA A 287 -20.87 0.89 5.65
CA ALA A 287 -20.25 1.94 4.85
C ALA A 287 -20.08 1.53 3.39
N ALA A 288 -19.68 0.28 3.16
CA ALA A 288 -19.49 -0.24 1.81
C ALA A 288 -20.83 -0.38 1.09
N VAL A 289 -21.87 -0.84 1.80
CA VAL A 289 -23.19 -0.94 1.20
C VAL A 289 -23.71 0.45 0.83
N GLN A 290 -23.52 1.42 1.71
CA GLN A 290 -23.99 2.76 1.43
C GLN A 290 -23.21 3.37 0.27
N SER A 291 -21.90 3.14 0.23
CA SER A 291 -21.07 3.67 -0.84
C SER A 291 -21.48 3.09 -2.19
N ALA A 292 -21.71 1.79 -2.24
CA ALA A 292 -22.17 1.17 -3.47
C ALA A 292 -23.56 1.64 -3.88
N THR A 293 -24.41 1.92 -2.89
CA THR A 293 -25.72 2.46 -3.16
C THR A 293 -25.61 3.84 -3.79
N ASP A 294 -24.74 4.70 -3.23
CA ASP A 294 -24.54 6.04 -3.76
C ASP A 294 -24.08 5.99 -5.21
N LEU A 295 -23.17 5.07 -5.49
CA LEU A 295 -22.51 5.02 -6.79
C LEU A 295 -23.33 4.31 -7.87
N TYR A 296 -24.09 3.29 -7.48
CA TYR A 296 -24.67 2.35 -8.46
C TYR A 296 -26.17 2.13 -8.28
N GLY A 297 -26.72 2.54 -7.15
CA GLY A 297 -28.15 2.42 -6.90
C GLY A 297 -28.49 1.24 -5.98
N SER A 298 -29.55 1.38 -5.21
CA SER A 298 -29.90 0.36 -4.22
C SER A 298 -30.22 -1.01 -4.81
N THR A 299 -30.72 -1.06 -6.04
CA THR A 299 -31.10 -2.33 -6.67
C THR A 299 -30.00 -2.91 -7.54
N SER A 300 -28.81 -2.32 -7.48
CA SER A 300 -27.74 -2.72 -8.37
C SER A 300 -27.11 -4.06 -7.99
N GLN A 301 -26.47 -4.68 -8.98
CA GLN A 301 -25.62 -5.84 -8.75
C GLN A 301 -24.50 -5.49 -7.76
N GLU A 302 -23.96 -4.28 -7.87
CA GLU A 302 -22.83 -3.90 -7.04
C GLU A 302 -23.20 -3.95 -5.55
N VAL A 303 -24.34 -3.38 -5.20
CA VAL A 303 -24.81 -3.46 -3.82
C VAL A 303 -25.04 -4.92 -3.39
N ALA A 304 -25.69 -5.70 -4.25
CA ALA A 304 -25.93 -7.09 -3.91
C ALA A 304 -24.63 -7.86 -3.67
N SER A 305 -23.62 -7.59 -4.47
CA SER A 305 -22.34 -8.27 -4.33
C SER A 305 -21.57 -7.87 -3.07
N VAL A 306 -21.65 -6.60 -2.69
CA VAL A 306 -21.06 -6.16 -1.43
C VAL A 306 -21.70 -6.96 -0.27
N LYS A 307 -23.01 -7.07 -0.26
CA LYS A 307 -23.69 -7.82 0.80
C LYS A 307 -23.28 -9.28 0.81
N GLN A 308 -23.22 -9.90 -0.37
CA GLN A 308 -22.84 -11.30 -0.49
C GLN A 308 -21.43 -11.55 0.06
N ALA A 309 -20.51 -10.63 -0.26
CA ALA A 309 -19.12 -10.77 0.15
C ALA A 309 -18.98 -10.69 1.67
N PHE A 310 -19.65 -9.73 2.29
CA PHE A 310 -19.59 -9.63 3.74
C PHE A 310 -20.31 -10.82 4.40
N ASP A 311 -21.41 -11.29 3.81
CA ASP A 311 -22.05 -12.51 4.31
C ASP A 311 -21.07 -13.67 4.28
N ALA A 312 -20.33 -13.79 3.17
CA ALA A 312 -19.42 -14.90 2.96
C ALA A 312 -18.33 -14.94 4.03
N VAL A 313 -17.87 -13.78 4.49
CA VAL A 313 -16.86 -13.73 5.55
C VAL A 313 -17.46 -13.56 6.95
N GLY A 314 -18.77 -13.73 7.09
CA GLY A 314 -19.40 -13.73 8.41
C GLY A 314 -19.56 -12.40 9.10
N VAL A 315 -19.57 -11.31 8.34
CA VAL A 315 -19.73 -9.98 8.87
C VAL A 315 -21.10 -9.45 8.54
N LYS A 316 -21.91 -9.22 9.56
CA LYS A 316 -23.25 -8.68 9.38
C LYS A 316 -23.35 -7.23 9.77
C3 UBZ B . 2.56 3.19 14.31
C2 UBZ B . 2.75 4.57 14.32
C1 UBZ B . 3.94 5.13 13.89
C6 UBZ B . 4.96 4.30 13.44
C5 UBZ B . 4.77 2.92 13.42
C4 UBZ B . 3.57 2.36 13.84
C7 UBZ B . 3.34 0.86 13.85
O8 UBZ B . 2.78 0.21 12.72
O8 UBZ B . 2.94 0.75 12.48
C9 UBZ B . 3.70 -0.33 11.79
C9 UBZ B . 3.40 -0.41 11.82
O21 UBZ B . 4.91 -0.18 11.96
O21 UBZ B . 3.73 -1.33 12.54
N10 UBZ B . 3.15 -0.93 10.76
N10 UBZ B . 3.47 -0.43 10.50
C11 UBZ B . 3.93 -1.56 9.74
P12 UBZ B . 3.13 -1.61 8.14
O22 UBZ B . 3.03 -0.22 7.59
O23 UBZ B . 1.79 -2.32 8.21
N13 UBZ B . 4.16 -2.57 7.26
C14 UBZ B . 3.68 -3.66 6.41
C15 UBZ B . 3.38 -4.90 7.18
O24 UBZ B . 2.46 -5.65 6.82
C20 UBZ B . 4.77 -3.97 5.40
C21 UBZ B . 4.40 -5.02 4.35
C22 UBZ B . 5.65 -5.49 3.62
C23 UBZ B . 3.35 -4.51 3.37
N16 UBZ B . 4.18 -5.17 8.23
C17 UBZ B . 3.93 -6.38 9.02
C18 UBZ B . 4.01 -6.12 10.49
O32 UBZ B . 3.62 -7.04 11.22
C25 UBZ B . 4.72 -7.55 8.49
C26 UBZ B . 6.14 -7.18 8.58
O19 UBZ B . 4.39 -5.00 10.90
C1 GOL C . 10.58 -4.68 12.78
O1 GOL C . 9.24 -4.97 12.59
C2 GOL C . 11.47 -5.74 12.23
O2 GOL C . 11.14 -7.01 12.69
C3 GOL C . 12.94 -5.52 12.40
O3 GOL C . 13.68 -6.37 11.59
C1 GOL D . 1.55 2.08 9.79
O1 GOL D . 2.69 2.15 9.00
C2 GOL D . 1.41 3.10 10.88
O2 GOL D . 1.40 4.37 10.33
C3 GOL D . 0.25 2.92 11.78
O3 GOL D . -0.99 3.04 11.15
C1 GOL E . -20.11 -16.80 -9.08
O1 GOL E . -20.56 -16.50 -7.81
C2 GOL E . -18.68 -17.20 -9.19
O2 GOL E . -17.88 -16.16 -8.79
C3 GOL E . -18.39 -18.39 -8.33
C3 GOL E . -18.27 -18.57 -8.76
O3 GOL E . -17.10 -18.91 -8.34
O3 GOL E . -18.79 -19.12 -7.62
S DMS F . 7.59 -0.39 14.18
O DMS F . 8.78 -0.81 15.44
C1 DMS F . 8.05 1.16 13.46
C2 DMS F . 7.68 -1.54 12.82
S DMS G . 12.43 23.06 -7.93
O DMS G . 13.11 24.65 -7.64
C1 DMS G . 11.18 22.87 -6.67
C2 DMS G . 11.61 23.20 -9.53
S DMS H . 28.00 4.09 0.16
O DMS H . 27.70 2.75 -0.98
C1 DMS H . 26.50 5.06 0.31
C2 DMS H . 28.40 3.43 1.78
S DMS I . 25.63 20.96 -15.59
O DMS I . 26.23 21.61 -17.14
C1 DMS I . 24.07 20.09 -15.78
C2 DMS I . 26.84 19.79 -14.95
S DMS J . -10.02 18.92 -3.56
O DMS J . -10.75 19.86 -2.23
C1 DMS J . -11.18 19.01 -4.93
C2 DMS J . -8.55 19.73 -4.19
ZN ZN K . 0.26 -1.57 7.20
CA CA L . 1.22 -8.21 -4.89
CA CA M . 2.96 -9.09 -8.16
CA CA N . 9.66 -15.48 -1.63
CA CA O . 25.32 8.05 -9.79
#